data_2KRL
#
_entry.id   2KRL
#
_entity_poly.entity_id   1
_entity_poly.type   'polyribonucleotide'
_entity_poly.pdbx_seq_one_letter_code
;GGACGGUGGCAGCACUGUCUAGCUGCGGGCAUUAGACUGGAAAACUAGUGCUCUUUGGGUAACCACUAAAAUCCCGAAAG
GGUGGGCUGUGGUGACCCUCCG
;
_entity_poly.pdbx_strand_id   A
#
loop_
_chem_comp.id
_chem_comp.type
_chem_comp.name
_chem_comp.formula
A RNA linking ADENOSINE-5'-MONOPHOSPHATE 'C10 H14 N5 O7 P'
C RNA linking CYTIDINE-5'-MONOPHOSPHATE 'C9 H14 N3 O8 P'
G RNA linking GUANOSINE-5'-MONOPHOSPHATE 'C10 H14 N5 O8 P'
U RNA linking URIDINE-5'-MONOPHOSPHATE 'C9 H13 N2 O9 P'
#